data_4X5M
#
_entry.id   4X5M
#
_cell.length_a   53.680
_cell.length_b   102.120
_cell.length_c   58.950
_cell.angle_alpha   90.00
_cell.angle_beta   90.00
_cell.angle_gamma   90.00
#
_symmetry.space_group_name_H-M   'P 21 21 2'
#
loop_
_entity.id
_entity.type
_entity.pdbx_description
1 polymer 'Uncharacterized protein'
2 non-polymer 'OLEIC ACID'
3 non-polymer '(2S)-2,3-dihydroxypropyl (9Z)-octadec-9-enoate'
4 non-polymer 'SULFATE ION'
5 non-polymer '(2R)-2,3-dihydroxypropyl (9Z)-octadec-9-enoate'
6 water water
#
_entity_poly.entity_id   1
_entity_poly.type   'polypeptide(L)'
_entity_poly.pdbx_seq_one_letter_code
;MDTILLTGLFAAFFTTFAFAPQSIKTIRTRNTEGISVVMYIMFLTGVISWIAYGIMRSDFAVLIANIVTLFLAAPVLVIT
LINRRKKHVLESSGENLYFQ
;
_entity_poly.pdbx_strand_id   A,B,C
#
# COMPACT_ATOMS: atom_id res chain seq x y z
N ASP A 2 16.31 -4.99 16.69
CA ASP A 2 14.91 -4.95 17.11
C ASP A 2 14.57 -3.65 17.81
N THR A 3 15.17 -3.43 18.97
CA THR A 3 14.97 -2.20 19.73
C THR A 3 15.55 -0.99 19.01
N ILE A 4 16.47 -1.23 18.08
CA ILE A 4 17.13 -0.12 17.39
C ILE A 4 16.22 0.41 16.28
N LEU A 5 15.44 -0.47 15.65
CA LEU A 5 14.50 -0.04 14.62
C LEU A 5 13.34 0.69 15.27
N LEU A 6 12.91 0.19 16.43
CA LEU A 6 11.87 0.82 17.22
C LEU A 6 12.28 2.23 17.62
N THR A 7 13.57 2.43 17.85
CA THR A 7 14.11 3.73 18.20
C THR A 7 13.94 4.72 17.04
N GLY A 8 14.24 4.24 15.83
CA GLY A 8 14.09 5.05 14.64
C GLY A 8 12.64 5.41 14.35
N LEU A 9 11.76 4.43 14.53
CA LEU A 9 10.33 4.66 14.35
C LEU A 9 9.80 5.61 15.42
N PHE A 10 10.35 5.47 16.62
CA PHE A 10 10.04 6.38 17.73
C PHE A 10 10.45 7.80 17.35
N ALA A 11 11.65 7.92 16.78
CA ALA A 11 12.16 9.20 16.31
C ALA A 11 11.33 9.74 15.15
N ALA A 12 11.04 8.87 14.19
CA ALA A 12 10.27 9.25 13.01
C ALA A 12 8.89 9.77 13.39
N PHE A 13 8.26 9.13 14.38
CA PHE A 13 6.94 9.53 14.84
C PHE A 13 6.92 10.96 15.36
N PHE A 14 7.89 11.30 16.22
CA PHE A 14 7.91 12.59 16.88
C PHE A 14 8.34 13.74 15.97
N THR A 15 9.36 13.53 15.14
CA THR A 15 9.83 14.60 14.27
C THR A 15 8.87 14.88 13.12
N THR A 16 8.17 13.86 12.64
CA THR A 16 7.27 14.03 11.51
C THR A 16 5.94 14.65 11.93
N PHE A 17 5.43 14.24 13.08
CA PHE A 17 4.10 14.68 13.52
C PHE A 17 4.15 15.90 14.44
N ALA A 18 5.35 16.34 14.78
CA ALA A 18 5.53 17.51 15.64
C ALA A 18 4.88 18.75 15.01
N PHE A 19 5.24 19.01 13.75
CA PHE A 19 4.74 20.20 13.06
C PHE A 19 3.79 19.84 11.93
N ALA A 20 3.34 18.59 11.91
CA ALA A 20 2.36 18.13 10.94
C ALA A 20 1.05 18.93 10.96
N PRO A 21 0.54 19.31 12.15
CA PRO A 21 -0.67 20.14 12.14
C PRO A 21 -0.52 21.47 11.39
N GLN A 22 0.70 21.98 11.27
CA GLN A 22 0.94 23.21 10.52
C GLN A 22 0.71 22.99 9.02
N SER A 23 1.25 21.90 8.50
CA SER A 23 1.08 21.56 7.09
C SER A 23 -0.38 21.24 6.77
N ILE A 24 -1.02 20.49 7.66
CA ILE A 24 -2.43 20.15 7.50
C ILE A 24 -3.29 21.40 7.46
N LYS A 25 -3.01 22.34 8.35
CA LYS A 25 -3.72 23.62 8.38
C LYS A 25 -3.53 24.38 7.08
N THR A 26 -2.31 24.37 6.56
CA THR A 26 -1.99 25.04 5.31
C THR A 26 -2.76 24.42 4.15
N ILE A 27 -2.78 23.09 4.12
CA ILE A 27 -3.52 22.36 3.09
C ILE A 27 -5.02 22.64 3.19
N ARG A 28 -5.52 22.70 4.42
CA ARG A 28 -6.95 22.91 4.66
C ARG A 28 -7.38 24.34 4.32
N THR A 29 -6.60 25.32 4.76
CA THR A 29 -6.97 26.73 4.59
C THR A 29 -6.44 27.34 3.30
N ARG A 30 -5.50 26.65 2.65
CA ARG A 30 -4.86 27.13 1.43
C ARG A 30 -4.17 28.48 1.63
N ASN A 31 -3.82 28.78 2.88
CA ASN A 31 -3.10 30.01 3.20
C ASN A 31 -1.60 29.76 3.19
N THR A 32 -0.92 30.29 2.18
CA THR A 32 0.50 30.05 2.00
C THR A 32 1.34 31.32 2.10
N GLU A 33 0.84 32.30 2.84
CA GLU A 33 1.58 33.54 3.06
C GLU A 33 2.85 33.30 3.87
N GLY A 34 3.98 33.81 3.38
CA GLY A 34 5.24 33.67 4.08
C GLY A 34 6.05 32.48 3.60
N ILE A 35 5.37 31.49 3.05
CA ILE A 35 6.03 30.27 2.57
C ILE A 35 6.96 30.57 1.39
N SER A 36 8.22 30.21 1.53
CA SER A 36 9.19 30.40 0.45
C SER A 36 9.22 29.21 -0.48
N VAL A 37 9.02 29.48 -1.77
CA VAL A 37 9.08 28.45 -2.80
C VAL A 37 10.47 27.81 -2.85
N VAL A 38 11.50 28.65 -2.79
CA VAL A 38 12.88 28.19 -2.86
C VAL A 38 13.22 27.25 -1.70
N MET A 39 12.81 27.63 -0.49
CA MET A 39 13.09 26.82 0.69
C MET A 39 12.42 25.44 0.60
N TYR A 40 11.19 25.40 0.08
CA TYR A 40 10.48 24.14 -0.03
C TYR A 40 11.04 23.24 -1.13
N ILE A 41 11.52 23.85 -2.21
CA ILE A 41 12.17 23.10 -3.28
C ILE A 41 13.47 22.50 -2.77
N MET A 42 14.23 23.29 -2.02
CA MET A 42 15.45 22.78 -1.36
C MET A 42 15.11 21.66 -0.40
N PHE A 43 14.05 21.86 0.38
CA PHE A 43 13.61 20.89 1.37
C PHE A 43 13.21 19.57 0.71
N LEU A 44 12.40 19.67 -0.34
CA LEU A 44 11.91 18.50 -1.06
C LEU A 44 13.05 17.77 -1.76
N THR A 45 14.03 18.52 -2.25
CA THR A 45 15.21 17.94 -2.88
C THR A 45 15.93 17.04 -1.88
N GLY A 46 16.04 17.50 -0.64
CA GLY A 46 16.66 16.72 0.41
C GLY A 46 15.82 15.53 0.81
N VAL A 47 14.49 15.72 0.87
CA VAL A 47 13.57 14.65 1.24
C VAL A 47 13.67 13.49 0.25
N ILE A 48 13.67 13.81 -1.03
CA ILE A 48 13.84 12.81 -2.08
C ILE A 48 15.16 12.07 -1.91
N SER A 49 16.21 12.82 -1.59
CA SER A 49 17.54 12.24 -1.41
C SER A 49 17.59 11.33 -0.18
N TRP A 50 16.85 11.68 0.87
CA TRP A 50 16.74 10.83 2.05
C TRP A 50 16.08 9.51 1.70
N ILE A 51 15.06 9.58 0.84
CA ILE A 51 14.35 8.39 0.39
C ILE A 51 15.29 7.45 -0.35
N ALA A 52 16.09 8.02 -1.25
CA ALA A 52 17.10 7.26 -1.96
C ALA A 52 18.10 6.67 -0.96
N TYR A 53 18.49 7.49 0.01
CA TYR A 53 19.41 7.07 1.06
C TYR A 53 18.82 5.94 1.90
N GLY A 54 17.56 6.10 2.27
CA GLY A 54 16.85 5.10 3.05
C GLY A 54 16.76 3.75 2.36
N ILE A 55 16.54 3.79 1.05
CA ILE A 55 16.47 2.56 0.26
C ILE A 55 17.83 1.89 0.18
N MET A 56 18.86 2.69 -0.07
CA MET A 56 20.22 2.17 -0.18
C MET A 56 20.76 1.69 1.18
N ARG A 57 20.15 2.16 2.26
CA ARG A 57 20.57 1.79 3.61
C ARG A 57 19.68 0.71 4.23
N SER A 58 18.60 0.37 3.54
CA SER A 58 17.58 -0.53 4.07
C SER A 58 17.10 -0.02 5.42
N ASP A 59 16.80 1.27 5.47
CA ASP A 59 16.40 1.94 6.70
C ASP A 59 14.94 2.38 6.60
N PHE A 60 14.03 1.58 7.15
CA PHE A 60 12.61 1.88 7.05
C PHE A 60 12.22 3.08 7.89
N ALA A 61 12.98 3.35 8.95
CA ALA A 61 12.72 4.50 9.79
C ALA A 61 12.93 5.80 9.01
N VAL A 62 14.08 5.88 8.33
CA VAL A 62 14.38 7.03 7.49
C VAL A 62 13.40 7.10 6.32
N LEU A 63 13.08 5.95 5.76
CA LEU A 63 12.16 5.86 4.63
C LEU A 63 10.78 6.42 4.93
N ILE A 64 10.10 5.84 5.93
CA ILE A 64 8.73 6.21 6.24
C ILE A 64 8.65 7.66 6.75
N ALA A 65 9.71 8.13 7.39
CA ALA A 65 9.74 9.49 7.91
C ALA A 65 9.66 10.51 6.76
N ASN A 66 10.45 10.27 5.73
CA ASN A 66 10.55 11.20 4.61
C ASN A 66 9.45 11.00 3.57
N ILE A 67 8.89 9.79 3.49
CA ILE A 67 7.77 9.56 2.58
C ILE A 67 6.54 10.31 3.09
N VAL A 68 6.29 10.21 4.39
CA VAL A 68 5.19 10.95 5.01
C VAL A 68 5.44 12.46 4.90
N THR A 69 6.69 12.86 5.12
CA THR A 69 7.10 14.26 4.95
C THR A 69 6.79 14.72 3.53
N LEU A 70 7.09 13.87 2.56
CA LEU A 70 6.83 14.18 1.15
C LEU A 70 5.34 14.42 0.90
N PHE A 71 4.50 13.57 1.49
CA PHE A 71 3.06 13.68 1.32
C PHE A 71 2.47 14.90 2.03
N LEU A 72 3.27 15.50 2.91
CA LEU A 72 2.85 16.71 3.62
C LEU A 72 3.43 17.96 2.98
N ALA A 73 4.68 17.88 2.53
CA ALA A 73 5.40 19.02 2.00
C ALA A 73 5.02 19.34 0.55
N ALA A 74 4.87 18.30 -0.27
CA ALA A 74 4.56 18.48 -1.68
C ALA A 74 3.22 19.21 -1.92
N PRO A 75 2.14 18.82 -1.21
CA PRO A 75 0.90 19.57 -1.40
C PRO A 75 1.02 21.04 -0.98
N VAL A 76 1.82 21.31 0.05
CA VAL A 76 2.04 22.68 0.50
C VAL A 76 2.70 23.53 -0.59
N LEU A 77 3.70 22.96 -1.25
CA LEU A 77 4.37 23.67 -2.34
C LEU A 77 3.43 23.87 -3.52
N VAL A 78 2.63 22.85 -3.82
CA VAL A 78 1.65 22.93 -4.91
C VAL A 78 0.68 24.10 -4.71
N ILE A 79 0.08 24.17 -3.52
CA ILE A 79 -0.83 25.25 -3.18
C ILE A 79 -0.11 26.61 -3.23
N THR A 80 1.13 26.62 -2.76
CA THR A 80 1.94 27.85 -2.77
C THR A 80 2.15 28.36 -4.19
N LEU A 81 2.48 27.45 -5.10
CA LEU A 81 2.72 27.80 -6.49
C LEU A 81 1.42 28.26 -7.18
N ILE A 82 0.30 27.65 -6.79
CA ILE A 82 -0.99 28.04 -7.33
C ILE A 82 -1.37 29.45 -6.86
N ASN A 83 -1.23 29.70 -5.56
CA ASN A 83 -1.51 31.02 -4.99
C ASN A 83 -0.60 32.09 -5.57
N ARG A 84 0.67 31.74 -5.77
CA ARG A 84 1.65 32.66 -6.33
C ARG A 84 1.24 33.14 -7.72
N ARG A 85 0.68 32.23 -8.51
CA ARG A 85 0.36 32.53 -9.90
C ARG A 85 -0.96 33.28 -10.06
N LYS A 86 -1.77 33.29 -9.00
CA LYS A 86 -3.05 34.00 -9.03
C LYS A 86 -2.84 35.51 -9.23
N LYS A 87 -1.71 36.01 -8.73
CA LYS A 87 -1.36 37.42 -8.89
C LYS A 87 -0.86 37.71 -10.31
N MET B 1 -11.40 18.17 3.03
CA MET B 1 -11.58 17.34 1.85
C MET B 1 -10.23 16.93 1.25
N ASP B 2 -9.32 17.88 1.19
CA ASP B 2 -8.00 17.64 0.61
C ASP B 2 -7.15 16.74 1.49
N THR B 3 -7.20 16.97 2.80
CA THR B 3 -6.47 16.15 3.75
C THR B 3 -7.02 14.72 3.75
N ILE B 4 -8.31 14.60 3.48
CA ILE B 4 -8.94 13.28 3.38
C ILE B 4 -8.42 12.55 2.15
N LEU B 5 -8.39 13.27 1.03
CA LEU B 5 -7.85 12.73 -0.23
C LEU B 5 -6.39 12.32 -0.05
N LEU B 6 -5.62 13.18 0.62
CA LEU B 6 -4.21 12.91 0.89
C LEU B 6 -4.02 11.57 1.60
N THR B 7 -4.86 11.32 2.59
CA THR B 7 -4.81 10.08 3.36
C THR B 7 -5.05 8.87 2.45
N GLY B 8 -6.03 9.01 1.55
CA GLY B 8 -6.33 7.96 0.60
C GLY B 8 -5.23 7.72 -0.41
N LEU B 9 -4.60 8.79 -0.86
CA LEU B 9 -3.49 8.69 -1.81
C LEU B 9 -2.27 8.05 -1.14
N PHE B 10 -2.05 8.40 0.12
CA PHE B 10 -1.01 7.79 0.93
C PHE B 10 -1.26 6.29 1.06
N ALA B 11 -2.50 5.95 1.39
CA ALA B 11 -2.91 4.56 1.51
C ALA B 11 -2.77 3.83 0.17
N ALA B 12 -3.21 4.48 -0.90
CA ALA B 12 -3.18 3.89 -2.23
C ALA B 12 -1.75 3.55 -2.66
N PHE B 13 -0.81 4.43 -2.36
CA PHE B 13 0.58 4.21 -2.75
C PHE B 13 1.19 2.99 -2.09
N PHE B 14 0.94 2.84 -0.79
CA PHE B 14 1.58 1.77 -0.03
C PHE B 14 1.01 0.39 -0.33
N THR B 15 -0.30 0.28 -0.48
CA THR B 15 -0.91 -1.02 -0.74
C THR B 15 -0.72 -1.47 -2.19
N THR B 16 -0.72 -0.52 -3.12
CA THR B 16 -0.61 -0.86 -4.54
C THR B 16 0.81 -1.30 -4.90
N PHE B 17 1.80 -0.65 -4.33
CA PHE B 17 3.19 -0.91 -4.70
C PHE B 17 3.92 -1.82 -3.71
N ALA B 18 3.21 -2.29 -2.70
CA ALA B 18 3.79 -3.20 -1.71
C ALA B 18 4.25 -4.49 -2.37
N PHE B 19 3.37 -5.09 -3.17
CA PHE B 19 3.67 -6.35 -3.85
C PHE B 19 3.84 -6.16 -5.35
N ALA B 20 3.93 -4.91 -5.78
CA ALA B 20 4.17 -4.59 -7.18
C ALA B 20 5.43 -5.28 -7.77
N PRO B 21 6.55 -5.32 -7.01
CA PRO B 21 7.70 -6.04 -7.55
C PRO B 21 7.42 -7.52 -7.84
N GLN B 22 6.57 -8.14 -7.01
CA GLN B 22 6.20 -9.53 -7.22
C GLN B 22 5.47 -9.73 -8.56
N SER B 23 4.46 -8.91 -8.79
CA SER B 23 3.67 -8.98 -10.02
C SER B 23 4.51 -8.70 -11.25
N ILE B 24 5.37 -7.69 -11.16
CA ILE B 24 6.22 -7.30 -12.28
C ILE B 24 7.23 -8.41 -12.61
N LYS B 25 7.79 -9.02 -11.57
CA LYS B 25 8.71 -10.14 -11.76
C LYS B 25 7.99 -11.33 -12.41
N THR B 26 6.76 -11.58 -11.98
CA THR B 26 5.95 -12.64 -12.57
C THR B 26 5.68 -12.36 -14.04
N ILE B 27 5.38 -11.11 -14.35
CA ILE B 27 5.14 -10.69 -15.73
C ILE B 27 6.41 -10.84 -16.58
N ARG B 28 7.53 -10.43 -16.01
CA ARG B 28 8.82 -10.48 -16.71
C ARG B 28 9.27 -11.91 -17.01
N THR B 29 9.21 -12.77 -16.00
CA THR B 29 9.70 -14.13 -16.12
C THR B 29 8.65 -15.08 -16.69
N ARG B 30 7.39 -14.66 -16.63
CA ARG B 30 6.25 -15.47 -17.07
C ARG B 30 6.18 -16.79 -16.31
N ASN B 31 6.73 -16.81 -15.11
CA ASN B 31 6.65 -17.97 -14.22
C ASN B 31 5.41 -17.85 -13.33
N THR B 32 4.37 -18.58 -13.69
CA THR B 32 3.10 -18.51 -12.97
C THR B 32 2.81 -19.79 -12.20
N GLU B 33 3.88 -20.54 -11.91
CA GLU B 33 3.74 -21.77 -11.14
C GLU B 33 3.31 -21.49 -9.71
N GLY B 34 2.19 -22.08 -9.30
CA GLY B 34 1.67 -21.89 -7.96
C GLY B 34 0.54 -20.87 -7.93
N ILE B 35 0.48 -20.02 -8.94
CA ILE B 35 -0.56 -18.99 -9.02
C ILE B 35 -1.93 -19.62 -9.22
N SER B 36 -2.88 -19.24 -8.36
CA SER B 36 -4.23 -19.75 -8.42
C SER B 36 -5.11 -18.93 -9.38
N VAL B 37 -5.71 -19.61 -10.35
CA VAL B 37 -6.58 -18.95 -11.33
C VAL B 37 -7.87 -18.45 -10.67
N VAL B 38 -8.50 -19.30 -9.87
CA VAL B 38 -9.74 -18.95 -9.18
C VAL B 38 -9.54 -17.74 -8.27
N MET B 39 -8.40 -17.70 -7.57
CA MET B 39 -8.11 -16.60 -6.67
C MET B 39 -7.94 -15.27 -7.41
N TYR B 40 -7.32 -15.33 -8.58
CA TYR B 40 -7.08 -14.12 -9.36
C TYR B 40 -8.35 -13.64 -10.06
N ILE B 41 -9.21 -14.57 -10.45
CA ILE B 41 -10.51 -14.21 -11.02
C ILE B 41 -11.37 -13.55 -9.95
N MET B 42 -11.35 -14.09 -8.73
CA MET B 42 -12.06 -13.50 -7.62
C MET B 42 -11.49 -12.12 -7.30
N PHE B 43 -10.16 -12.01 -7.27
CA PHE B 43 -9.48 -10.76 -6.97
C PHE B 43 -9.82 -9.68 -7.99
N LEU B 44 -9.68 -10.02 -9.27
CA LEU B 44 -9.96 -9.07 -10.34
C LEU B 44 -11.44 -8.69 -10.40
N THR B 45 -12.31 -9.63 -10.02
CA THR B 45 -13.74 -9.34 -9.94
C THR B 45 -14.00 -8.21 -8.95
N GLY B 46 -13.32 -8.28 -7.81
CA GLY B 46 -13.46 -7.26 -6.79
C GLY B 46 -12.78 -5.95 -7.17
N VAL B 47 -11.62 -6.06 -7.82
CA VAL B 47 -10.89 -4.87 -8.25
C VAL B 47 -11.72 -4.05 -9.23
N ILE B 48 -12.33 -4.72 -10.20
CA ILE B 48 -13.21 -4.06 -11.15
C ILE B 48 -14.42 -3.48 -10.42
N SER B 49 -14.89 -4.19 -9.39
CA SER B 49 -16.00 -3.70 -8.58
C SER B 49 -15.61 -2.43 -7.82
N TRP B 50 -14.39 -2.41 -7.29
CA TRP B 50 -13.88 -1.20 -6.62
C TRP B 50 -13.84 -0.02 -7.59
N ILE B 51 -13.40 -0.28 -8.81
CA ILE B 51 -13.34 0.73 -9.86
C ILE B 51 -14.73 1.30 -10.11
N ALA B 52 -15.71 0.41 -10.28
CA ALA B 52 -17.09 0.81 -10.44
C ALA B 52 -17.58 1.57 -9.21
N TYR B 53 -17.20 1.07 -8.04
CA TYR B 53 -17.55 1.70 -6.77
C TYR B 53 -16.95 3.09 -6.65
N GLY B 54 -15.67 3.22 -6.98
CA GLY B 54 -14.98 4.48 -6.91
C GLY B 54 -15.59 5.53 -7.82
N ILE B 55 -16.11 5.08 -8.95
CA ILE B 55 -16.78 5.97 -9.91
C ILE B 55 -18.12 6.45 -9.35
N MET B 56 -18.91 5.53 -8.82
CA MET B 56 -20.22 5.86 -8.26
C MET B 56 -20.08 6.75 -7.01
N ARG B 57 -19.04 6.50 -6.23
CA ARG B 57 -18.84 7.22 -4.97
C ARG B 57 -18.01 8.49 -5.15
N SER B 58 -17.50 8.69 -6.36
CA SER B 58 -16.57 9.77 -6.65
C SER B 58 -15.37 9.68 -5.70
N ASP B 59 -14.92 8.46 -5.45
CA ASP B 59 -13.78 8.23 -4.58
C ASP B 59 -12.51 8.09 -5.43
N PHE B 60 -11.76 9.18 -5.50
CA PHE B 60 -10.58 9.26 -6.36
C PHE B 60 -9.47 8.31 -5.91
N ALA B 61 -9.29 8.19 -4.60
CA ALA B 61 -8.25 7.33 -4.04
C ALA B 61 -8.49 5.86 -4.34
N VAL B 62 -9.73 5.41 -4.12
CA VAL B 62 -10.10 4.03 -4.39
C VAL B 62 -10.00 3.72 -5.88
N LEU B 63 -10.41 4.66 -6.71
CA LEU B 63 -10.37 4.51 -8.15
C LEU B 63 -8.95 4.33 -8.65
N ILE B 64 -8.06 5.21 -8.22
CA ILE B 64 -6.65 5.17 -8.62
C ILE B 64 -5.96 3.87 -8.22
N ALA B 65 -6.14 3.49 -6.97
CA ALA B 65 -5.48 2.32 -6.41
C ALA B 65 -5.82 1.06 -7.20
N ASN B 66 -7.09 0.92 -7.57
CA ASN B 66 -7.56 -0.30 -8.21
C ASN B 66 -7.37 -0.31 -9.73
N ILE B 67 -7.28 0.87 -10.34
CA ILE B 67 -6.93 0.95 -11.75
C ILE B 67 -5.49 0.48 -11.93
N VAL B 68 -4.60 0.97 -11.08
CA VAL B 68 -3.20 0.57 -11.12
C VAL B 68 -3.06 -0.91 -10.73
N THR B 69 -3.88 -1.35 -9.78
CA THR B 69 -3.89 -2.77 -9.40
C THR B 69 -4.28 -3.62 -10.60
N LEU B 70 -5.24 -3.14 -11.38
CA LEU B 70 -5.67 -3.83 -12.59
C LEU B 70 -4.55 -3.88 -13.62
N PHE B 71 -3.73 -2.83 -13.65
CA PHE B 71 -2.58 -2.76 -14.56
C PHE B 71 -1.59 -3.88 -14.27
N LEU B 72 -1.48 -4.27 -13.01
CA LEU B 72 -0.49 -5.25 -12.58
C LEU B 72 -1.04 -6.67 -12.52
N ALA B 73 -2.29 -6.80 -12.06
CA ALA B 73 -2.88 -8.11 -11.79
C ALA B 73 -3.44 -8.78 -13.04
N ALA B 74 -4.05 -7.99 -13.93
CA ALA B 74 -4.65 -8.53 -15.15
C ALA B 74 -3.62 -9.23 -16.07
N PRO B 75 -2.43 -8.64 -16.27
CA PRO B 75 -1.46 -9.39 -17.07
C PRO B 75 -1.03 -10.69 -16.41
N VAL B 76 -0.98 -10.71 -15.08
CA VAL B 76 -0.62 -11.92 -14.35
C VAL B 76 -1.60 -13.06 -14.62
N LEU B 77 -2.89 -12.73 -14.60
CA LEU B 77 -3.93 -13.71 -14.88
C LEU B 77 -3.85 -14.22 -16.33
N VAL B 78 -3.63 -13.28 -17.25
CA VAL B 78 -3.54 -13.62 -18.66
C VAL B 78 -2.40 -14.59 -18.93
N ILE B 79 -1.22 -14.27 -18.43
CA ILE B 79 -0.05 -15.13 -18.58
C ILE B 79 -0.26 -16.47 -17.89
N THR B 80 -0.96 -16.45 -16.76
CA THR B 80 -1.28 -17.67 -16.03
C THR B 80 -2.19 -18.58 -16.86
N LEU B 81 -3.21 -17.98 -17.47
CA LEU B 81 -4.15 -18.70 -18.31
C LEU B 81 -3.45 -19.27 -19.54
N ILE B 82 -2.51 -18.51 -20.09
CA ILE B 82 -1.74 -18.95 -21.25
C ILE B 82 -0.89 -20.16 -20.89
N ASN B 83 -0.21 -20.09 -19.74
CA ASN B 83 0.63 -21.19 -19.28
C ASN B 83 -0.19 -22.43 -18.93
N ARG B 84 -1.35 -22.22 -18.32
CA ARG B 84 -2.27 -23.33 -18.02
C ARG B 84 -2.73 -24.00 -19.31
N ARG B 85 -2.92 -23.19 -20.35
CA ARG B 85 -3.36 -23.69 -21.65
C ARG B 85 -2.27 -24.54 -22.29
N LYS B 86 -1.03 -24.09 -22.18
CA LYS B 86 0.11 -24.83 -22.74
C LYS B 86 0.30 -26.16 -22.01
N LYS B 87 0.02 -26.16 -20.71
CA LYS B 87 0.17 -27.37 -19.90
C LYS B 87 -0.81 -28.46 -20.34
N HIS B 88 -2.08 -28.09 -20.48
CA HIS B 88 -3.12 -29.06 -20.82
C HIS B 88 -2.93 -29.58 -22.25
N VAL B 89 -2.38 -28.74 -23.12
CA VAL B 89 -2.01 -29.16 -24.47
C VAL B 89 -0.94 -30.23 -24.40
N LEU B 90 -0.04 -30.10 -23.42
CA LEU B 90 1.02 -31.08 -23.21
C LEU B 90 0.55 -32.25 -22.34
N GLU B 91 -0.28 -31.96 -21.34
CA GLU B 91 -0.74 -32.99 -20.41
C GLU B 91 -1.62 -34.03 -21.10
N SER B 92 -2.33 -33.62 -22.14
CA SER B 92 -3.11 -34.54 -22.97
C SER B 92 -2.20 -35.62 -23.52
N SER B 93 -1.10 -35.17 -24.14
CA SER B 93 0.02 -35.99 -24.57
C SER B 93 1.08 -35.11 -25.22
N ASP C 2 -27.54 1.82 -2.49
CA ASP C 2 -28.31 1.08 -3.49
C ASP C 2 -27.38 0.33 -4.45
N THR C 3 -27.14 0.92 -5.62
CA THR C 3 -26.18 0.38 -6.56
C THR C 3 -24.79 0.48 -5.95
N ILE C 4 -24.57 1.54 -5.18
CA ILE C 4 -23.34 1.76 -4.45
C ILE C 4 -23.13 0.67 -3.39
N LEU C 5 -24.21 0.32 -2.70
CA LEU C 5 -24.17 -0.68 -1.64
C LEU C 5 -23.69 -2.04 -2.17
N LEU C 6 -24.39 -2.55 -3.18
CA LEU C 6 -24.09 -3.86 -3.74
C LEU C 6 -22.68 -3.93 -4.33
N THR C 7 -22.31 -2.87 -5.06
CA THR C 7 -20.99 -2.79 -5.67
C THR C 7 -19.89 -2.79 -4.61
N GLY C 8 -20.13 -2.07 -3.52
CA GLY C 8 -19.20 -2.00 -2.41
C GLY C 8 -19.02 -3.33 -1.72
N LEU C 9 -20.13 -4.02 -1.49
CA LEU C 9 -20.10 -5.34 -0.86
C LEU C 9 -19.37 -6.34 -1.74
N PHE C 10 -19.66 -6.30 -3.04
CA PHE C 10 -18.97 -7.14 -4.01
C PHE C 10 -17.48 -6.89 -3.99
N ALA C 11 -17.09 -5.62 -4.05
CA ALA C 11 -15.69 -5.24 -4.05
C ALA C 11 -15.00 -5.66 -2.76
N ALA C 12 -15.62 -5.35 -1.63
CA ALA C 12 -15.06 -5.66 -0.32
C ALA C 12 -14.88 -7.16 -0.11
N PHE C 13 -15.89 -7.93 -0.49
CA PHE C 13 -15.84 -9.38 -0.29
C PHE C 13 -14.79 -10.06 -1.17
N PHE C 14 -14.92 -9.87 -2.48
CA PHE C 14 -14.07 -10.59 -3.44
C PHE C 14 -12.59 -10.27 -3.31
N THR C 15 -12.25 -9.00 -3.11
CA THR C 15 -10.84 -8.60 -2.97
C THR C 15 -10.23 -9.15 -1.69
N THR C 16 -11.00 -9.12 -0.60
CA THR C 16 -10.51 -9.55 0.69
C THR C 16 -10.47 -11.08 0.78
N PHE C 17 -11.47 -11.73 0.20
CA PHE C 17 -11.57 -13.19 0.25
C PHE C 17 -10.55 -13.85 -0.67
N ALA C 18 -10.23 -13.18 -1.78
CA ALA C 18 -9.41 -13.76 -2.85
C ALA C 18 -8.16 -14.48 -2.36
N PHE C 19 -7.39 -13.81 -1.50
CA PHE C 19 -6.13 -14.38 -1.03
C PHE C 19 -6.19 -14.68 0.47
N ALA C 20 -7.40 -14.75 1.01
CA ALA C 20 -7.60 -15.18 2.39
C ALA C 20 -7.14 -16.62 2.64
N PRO C 21 -7.44 -17.57 1.72
CA PRO C 21 -6.96 -18.93 1.99
C PRO C 21 -5.44 -19.04 2.08
N GLN C 22 -4.72 -18.24 1.30
CA GLN C 22 -3.27 -18.24 1.35
C GLN C 22 -2.75 -17.71 2.69
N SER C 23 -3.35 -16.62 3.16
CA SER C 23 -2.97 -16.02 4.43
C SER C 23 -3.26 -16.95 5.59
N ILE C 24 -4.44 -17.56 5.58
CA ILE C 24 -4.86 -18.47 6.65
C ILE C 24 -4.00 -19.73 6.68
N LYS C 25 -3.69 -20.26 5.51
CA LYS C 25 -2.82 -21.43 5.41
C LYS C 25 -1.43 -21.12 5.99
N THR C 26 -0.93 -19.93 5.71
CA THR C 26 0.36 -19.49 6.23
C THR C 26 0.31 -19.36 7.76
N ILE C 27 -0.80 -18.86 8.28
CA ILE C 27 -0.97 -18.70 9.72
C ILE C 27 -1.01 -20.06 10.41
N ARG C 28 -1.74 -21.00 9.81
CA ARG C 28 -1.88 -22.34 10.37
C ARG C 28 -0.58 -23.13 10.36
N THR C 29 0.08 -23.18 9.20
CA THR C 29 1.31 -23.95 9.07
C THR C 29 2.53 -23.22 9.65
N ARG C 30 2.39 -21.90 9.80
CA ARG C 30 3.49 -21.04 10.26
C ARG C 30 4.70 -21.15 9.35
N ASN C 31 4.47 -21.52 8.10
CA ASN C 31 5.53 -21.58 7.09
C ASN C 31 5.63 -20.25 6.34
N THR C 32 6.60 -19.43 6.73
CA THR C 32 6.74 -18.09 6.18
C THR C 32 7.95 -17.98 5.27
N GLU C 33 8.33 -19.11 4.67
CA GLU C 33 9.46 -19.13 3.75
C GLU C 33 9.16 -18.36 2.48
N GLY C 34 10.03 -17.41 2.13
CA GLY C 34 9.86 -16.62 0.92
C GLY C 34 9.00 -15.38 1.13
N ILE C 35 8.51 -15.19 2.35
CA ILE C 35 7.68 -14.04 2.65
C ILE C 35 8.56 -12.82 2.97
N SER C 36 8.30 -11.72 2.27
CA SER C 36 9.08 -10.50 2.44
C SER C 36 8.52 -9.60 3.53
N VAL C 37 9.35 -9.33 4.53
CA VAL C 37 8.95 -8.49 5.65
C VAL C 37 8.64 -7.06 5.20
N VAL C 38 9.49 -6.50 4.35
CA VAL C 38 9.32 -5.12 3.91
C VAL C 38 8.05 -4.94 3.08
N MET C 39 7.67 -5.95 2.31
CA MET C 39 6.47 -5.87 1.48
C MET C 39 5.21 -5.89 2.35
N TYR C 40 5.24 -6.65 3.43
CA TYR C 40 4.11 -6.74 4.34
C TYR C 40 4.00 -5.51 5.24
N ILE C 41 5.14 -4.97 5.63
CA ILE C 41 5.15 -3.75 6.44
C ILE C 41 4.64 -2.56 5.62
N MET C 42 5.07 -2.49 4.36
CA MET C 42 4.57 -1.47 3.44
C MET C 42 3.07 -1.63 3.22
N PHE C 43 2.65 -2.86 3.00
CA PHE C 43 1.25 -3.17 2.74
C PHE C 43 0.36 -2.80 3.92
N LEU C 44 0.76 -3.24 5.12
CA LEU C 44 -0.01 -2.99 6.33
C LEU C 44 -0.03 -1.51 6.68
N THR C 45 1.02 -0.79 6.31
CA THR C 45 1.07 0.66 6.49
C THR C 45 -0.05 1.32 5.70
N GLY C 46 -0.26 0.84 4.48
CA GLY C 46 -1.33 1.34 3.63
C GLY C 46 -2.70 0.91 4.10
N VAL C 47 -2.81 -0.35 4.55
CA VAL C 47 -4.06 -0.90 5.02
C VAL C 47 -4.61 -0.11 6.21
N ILE C 48 -3.73 0.18 7.17
CA ILE C 48 -4.10 0.98 8.32
C ILE C 48 -4.51 2.39 7.87
N SER C 49 -3.83 2.90 6.85
CA SER C 49 -4.16 4.20 6.30
C SER C 49 -5.52 4.17 5.60
N TRP C 50 -5.83 3.06 4.95
CA TRP C 50 -7.14 2.86 4.33
C TRP C 50 -8.24 2.85 5.39
N ILE C 51 -7.93 2.28 6.55
CA ILE C 51 -8.86 2.25 7.67
C ILE C 51 -9.18 3.67 8.13
N ALA C 52 -8.13 4.48 8.27
CA ALA C 52 -8.29 5.88 8.63
C ALA C 52 -9.12 6.61 7.57
N TYR C 53 -8.82 6.33 6.31
CA TYR C 53 -9.53 6.92 5.18
C TYR C 53 -11.02 6.55 5.19
N GLY C 54 -11.29 5.28 5.48
CA GLY C 54 -12.66 4.80 5.55
C GLY C 54 -13.44 5.50 6.64
N ILE C 55 -12.78 5.77 7.76
CA ILE C 55 -13.40 6.49 8.86
C ILE C 55 -13.67 7.95 8.50
N MET C 56 -12.68 8.58 7.86
CA MET C 56 -12.83 9.98 7.43
C MET C 56 -13.92 10.13 6.37
N ARG C 57 -14.07 9.11 5.52
CA ARG C 57 -15.03 9.15 4.43
C ARG C 57 -16.39 8.57 4.83
N SER C 58 -16.45 8.02 6.05
CA SER C 58 -17.64 7.31 6.53
C SER C 58 -18.03 6.20 5.55
N ASP C 59 -17.01 5.53 5.01
CA ASP C 59 -17.21 4.48 4.01
C ASP C 59 -17.01 3.10 4.62
N PHE C 60 -18.12 2.39 4.85
CA PHE C 60 -18.06 1.10 5.52
C PHE C 60 -17.54 -0.01 4.60
N ALA C 61 -17.65 0.19 3.31
CA ALA C 61 -17.09 -0.76 2.35
C ALA C 61 -15.56 -0.77 2.45
N VAL C 62 -14.97 0.43 2.43
CA VAL C 62 -13.52 0.58 2.55
C VAL C 62 -13.05 0.16 3.94
N LEU C 63 -13.79 0.58 4.96
CA LEU C 63 -13.42 0.33 6.35
C LEU C 63 -13.41 -1.16 6.69
N ILE C 64 -14.49 -1.86 6.38
CA ILE C 64 -14.62 -3.27 6.74
C ILE C 64 -13.67 -4.15 5.93
N ALA C 65 -13.52 -3.84 4.64
CA ALA C 65 -12.63 -4.59 3.77
C ALA C 65 -11.19 -4.59 4.30
N ASN C 66 -10.74 -3.42 4.75
CA ASN C 66 -9.36 -3.27 5.21
C ASN C 66 -9.15 -3.69 6.66
N ILE C 67 -10.23 -3.68 7.44
CA ILE C 67 -10.16 -4.21 8.80
C ILE C 67 -9.93 -5.72 8.73
N VAL C 68 -10.68 -6.40 7.87
CA VAL C 68 -10.51 -7.83 7.67
C VAL C 68 -9.15 -8.13 7.06
N THR C 69 -8.73 -7.29 6.11
CA THR C 69 -7.43 -7.43 5.49
C THR C 69 -6.31 -7.30 6.53
N LEU C 70 -6.47 -6.34 7.42
CA LEU C 70 -5.49 -6.09 8.48
C LEU C 70 -5.22 -7.34 9.32
N PHE C 71 -6.29 -8.00 9.75
CA PHE C 71 -6.16 -9.13 10.65
C PHE C 71 -5.92 -10.45 9.89
N LEU C 72 -5.86 -10.36 8.57
CA LEU C 72 -5.43 -11.48 7.75
C LEU C 72 -3.93 -11.42 7.51
N ALA C 73 -3.42 -10.21 7.30
CA ALA C 73 -2.03 -10.00 6.90
C ALA C 73 -1.09 -9.75 8.08
N ALA C 74 -1.59 -9.07 9.11
CA ALA C 74 -0.76 -8.79 10.29
C ALA C 74 -0.28 -10.05 11.02
N PRO C 75 -1.15 -11.06 11.20
CA PRO C 75 -0.62 -12.29 11.80
C PRO C 75 0.48 -12.93 10.96
N VAL C 76 0.35 -12.85 9.64
CA VAL C 76 1.37 -13.36 8.73
C VAL C 76 2.71 -12.65 8.97
N LEU C 77 2.65 -11.32 9.12
CA LEU C 77 3.86 -10.55 9.40
C LEU C 77 4.47 -10.91 10.75
N VAL C 78 3.64 -11.00 11.77
CA VAL C 78 4.08 -11.34 13.11
C VAL C 78 4.80 -12.69 13.14
N ILE C 79 4.19 -13.70 12.52
CA ILE C 79 4.79 -15.03 12.46
C ILE C 79 6.09 -15.02 11.67
N THR C 80 6.12 -14.25 10.58
CA THR C 80 7.32 -14.13 9.76
C THR C 80 8.48 -13.53 10.57
N LEU C 81 8.17 -12.49 11.34
CA LEU C 81 9.17 -11.85 12.20
C LEU C 81 9.66 -12.80 13.30
N ILE C 82 8.73 -13.57 13.85
CA ILE C 82 9.07 -14.56 14.87
C ILE C 82 9.99 -15.64 14.31
N ASN C 83 9.65 -16.13 13.12
CA ASN C 83 10.47 -17.16 12.47
C ASN C 83 11.86 -16.65 12.09
N ARG C 84 11.94 -15.39 11.70
CA ARG C 84 13.22 -14.79 11.35
C ARG C 84 14.11 -14.58 12.56
N ARG C 85 13.50 -14.20 13.68
CA ARG C 85 14.23 -13.99 14.92
C ARG C 85 14.79 -15.32 15.43
N LYS C 86 13.99 -16.37 15.37
CA LYS C 86 14.41 -17.71 15.76
C LYS C 86 15.62 -18.16 14.95
N LYS C 87 15.54 -17.98 13.63
CA LYS C 87 16.63 -18.32 12.73
C LYS C 87 17.88 -17.52 13.07
N HIS C 88 17.69 -16.27 13.47
CA HIS C 88 18.80 -15.38 13.81
C HIS C 88 19.50 -15.81 15.10
N VAL C 89 18.71 -16.14 16.12
CA VAL C 89 19.25 -16.55 17.41
C VAL C 89 20.03 -17.86 17.28
N LEU C 90 19.46 -18.81 16.53
CA LEU C 90 20.12 -20.10 16.30
C LEU C 90 21.42 -19.92 15.54
N GLU C 91 21.42 -19.00 14.57
CA GLU C 91 22.60 -18.75 13.76
C GLU C 91 23.66 -17.94 14.53
N SER C 92 23.30 -17.48 15.72
CA SER C 92 24.21 -16.69 16.54
C SER C 92 24.63 -17.43 17.80
N SER C 93 24.54 -18.75 17.77
CA SER C 93 24.92 -19.57 18.92
C SER C 93 26.07 -20.51 18.57
N GLY C 94 26.35 -20.64 17.28
CA GLY C 94 27.43 -21.50 16.82
C GLY C 94 26.97 -22.92 16.55
#